data_1W3O
#
_entry.id   1W3O
#
_cell.length_a   99.863
_cell.length_b   38.947
_cell.length_c   59.811
_cell.angle_alpha   90.00
_cell.angle_beta   114.25
_cell.angle_gamma   90.00
#
_symmetry.space_group_name_H-M   'C 1 2 1'
#
loop_
_entity.id
_entity.type
_entity.pdbx_description
1 polymer 'NIMA-RELATED PROTEIN'
2 non-polymer 'ACETATE ION'
3 non-polymer 'PYRUVIC ACID'
4 water water
#
_entity_poly.entity_id   1
_entity_poly.type   'polypeptide(L)'
_entity_poly.pdbx_seq_one_letter_code
;MSYYHHHHHHLESTSLYKKAGMSDFYDPRERDPSVSRRPQNRQSDEWIRELLLRGTIARVATLWQGEDGAAFPFITPLAY
AYRPEQGDLVYHTNVVGRLRANAGQGHPATLEVSEIGQFLPSNSPLELSVQYRSVMVFGTARVLAGEDARAALTTLSERV
FPGLKVGETTRPISEDDLKRTSVYSLSIDRWSGKENWAEQAIQEEDWPALGPEWLG
;
_entity_poly.pdbx_strand_id   A
#
loop_
_chem_comp.id
_chem_comp.type
_chem_comp.name
_chem_comp.formula
ACT non-polymer 'ACETATE ION' 'C2 H3 O2 -1'
PYR non-polymer 'PYRUVIC ACID' 'C3 H4 O3'
#
# COMPACT_ATOMS: atom_id res chain seq x y z
N SER A 2 26.19 -24.33 11.20
CA SER A 2 25.97 -24.95 12.57
C SER A 2 27.17 -25.84 12.98
N TYR A 3 27.38 -25.99 14.30
CA TYR A 3 28.34 -26.95 14.81
C TYR A 3 28.09 -28.38 14.21
N TYR A 4 26.84 -28.83 14.23
CA TYR A 4 26.53 -30.20 13.90
C TYR A 4 26.95 -30.51 12.47
N HIS A 5 26.62 -29.60 11.54
CA HIS A 5 27.03 -29.77 10.14
C HIS A 5 28.54 -29.70 9.96
N HIS A 6 29.16 -28.71 10.61
CA HIS A 6 30.59 -28.45 10.55
C HIS A 6 31.38 -29.68 11.07
N HIS A 7 30.95 -30.22 12.20
CA HIS A 7 31.60 -31.40 12.77
C HIS A 7 31.43 -32.65 11.87
N HIS A 8 30.25 -32.82 11.30
CA HIS A 8 29.96 -33.94 10.40
C HIS A 8 30.81 -33.86 9.13
N HIS A 9 31.04 -32.65 8.66
CA HIS A 9 31.88 -32.45 7.47
C HIS A 9 33.34 -32.84 7.76
N HIS A 10 33.82 -32.44 8.93
CA HIS A 10 35.19 -32.73 9.33
C HIS A 10 35.44 -34.22 9.61
N LEU A 11 34.45 -34.92 10.16
CA LEU A 11 34.51 -36.38 10.32
C LEU A 11 34.45 -37.03 8.92
N SER A 23 18.84 -24.55 19.33
CA SER A 23 18.43 -24.01 18.00
C SER A 23 18.60 -22.49 17.97
N ASP A 24 19.20 -22.01 16.89
CA ASP A 24 19.17 -20.61 16.56
C ASP A 24 18.12 -19.78 17.29
N PHE A 25 16.88 -20.28 17.34
CA PHE A 25 15.78 -19.47 17.81
C PHE A 25 16.04 -18.98 19.22
N TYR A 26 16.65 -19.79 20.08
CA TYR A 26 16.85 -19.41 21.49
C TYR A 26 18.26 -18.95 21.82
N ASP A 27 19.15 -19.05 20.84
CA ASP A 27 20.56 -18.65 21.01
C ASP A 27 20.80 -17.11 20.88
N PRO A 28 22.00 -16.66 21.26
CA PRO A 28 22.34 -15.22 21.26
C PRO A 28 22.09 -14.54 19.94
N ARG A 29 21.52 -13.35 20.06
CA ARG A 29 21.36 -12.42 18.94
C ARG A 29 21.48 -10.97 19.44
N GLU A 30 21.58 -10.02 18.52
CA GLU A 30 21.54 -8.59 18.93
C GLU A 30 20.15 -8.08 18.67
N ARG A 31 19.72 -7.20 19.53
CA ARG A 31 18.50 -6.47 19.28
C ARG A 31 18.61 -4.99 19.67
N ASP A 32 18.14 -4.14 18.75
CA ASP A 32 18.01 -2.71 18.95
C ASP A 32 16.75 -2.52 19.78
N PRO A 33 16.88 -2.00 20.99
CA PRO A 33 15.70 -1.88 21.88
C PRO A 33 14.60 -0.92 21.35
N SER A 34 14.92 -0.08 20.38
CA SER A 34 13.95 0.88 19.84
C SER A 34 13.11 0.29 18.70
N VAL A 35 13.44 -0.92 18.27
CA VAL A 35 12.77 -1.53 17.12
C VAL A 35 11.41 -2.10 17.57
N SER A 36 10.39 -1.93 16.72
CA SER A 36 9.03 -2.45 16.95
C SER A 36 8.99 -3.91 17.41
N ARG A 37 8.24 -4.20 18.47
CA ARG A 37 8.05 -5.58 18.96
C ARG A 37 6.72 -6.20 18.44
N ARG A 38 6.01 -5.47 17.60
CA ARG A 38 4.71 -5.97 17.12
C ARG A 38 4.90 -7.19 16.26
N PRO A 39 4.06 -8.21 16.44
CA PRO A 39 4.16 -9.42 15.63
C PRO A 39 3.67 -9.26 14.20
N GLN A 40 4.04 -10.24 13.36
CA GLN A 40 3.51 -10.41 12.02
C GLN A 40 3.82 -9.18 11.15
N ASN A 41 4.97 -8.56 11.42
CA ASN A 41 5.51 -7.43 10.67
C ASN A 41 4.67 -6.13 10.80
N ARG A 42 3.71 -6.13 11.74
CA ARG A 42 2.79 -4.98 11.90
C ARG A 42 3.43 -3.67 12.36
N GLN A 43 2.82 -2.56 11.94
CA GLN A 43 3.38 -1.25 12.18
C GLN A 43 2.37 -0.36 12.95
N SER A 44 2.88 0.73 13.47
CA SER A 44 2.10 1.68 14.25
C SER A 44 1.29 2.61 13.37
N ASP A 45 0.27 3.19 13.97
CA ASP A 45 -0.65 4.07 13.24
C ASP A 45 0.07 5.28 12.70
N GLU A 46 1.04 5.77 13.46
CA GLU A 46 1.82 6.89 12.99
C GLU A 46 2.65 6.53 11.75
N TRP A 47 3.10 5.30 11.69
CA TRP A 47 3.96 4.87 10.58
C TRP A 47 3.07 4.78 9.33
N ILE A 48 1.83 4.32 9.56
CA ILE A 48 0.87 4.16 8.46
C ILE A 48 0.55 5.54 7.90
N ARG A 49 0.27 6.48 8.79
CA ARG A 49 -0.01 7.85 8.39
C ARG A 49 1.13 8.39 7.47
N GLU A 50 2.37 8.17 7.88
CA GLU A 50 3.51 8.74 7.19
C GLU A 50 3.63 8.09 5.84
N LEU A 51 3.34 6.79 5.74
CA LEU A 51 3.50 6.08 4.46
C LEU A 51 2.45 6.59 3.47
N LEU A 52 1.21 6.75 3.96
CA LEU A 52 0.11 7.29 3.16
C LEU A 52 0.34 8.74 2.70
N LEU A 53 1.00 9.53 3.57
CA LEU A 53 1.32 10.90 3.18
C LEU A 53 2.39 11.00 2.14
N ARG A 54 3.34 10.08 2.10
CA ARG A 54 4.40 10.21 1.12
C ARG A 54 4.14 9.45 -0.18
N GLY A 55 3.16 8.58 -0.17
CA GLY A 55 2.78 7.88 -1.40
C GLY A 55 1.91 8.70 -2.36
N THR A 56 1.90 8.28 -3.62
CA THR A 56 1.09 8.91 -4.65
C THR A 56 0.27 7.99 -5.51
N ILE A 57 0.56 6.69 -5.45
CA ILE A 57 -0.18 5.70 -6.20
C ILE A 57 -0.76 4.74 -5.21
N ALA A 58 -2.02 4.41 -5.42
CA ALA A 58 -2.69 3.34 -4.71
C ALA A 58 -3.42 2.36 -5.62
N ARG A 59 -3.85 1.24 -5.05
CA ARG A 59 -4.78 0.34 -5.70
C ARG A 59 -6.04 0.31 -4.89
N VAL A 60 -7.16 0.40 -5.57
CA VAL A 60 -8.43 0.37 -4.87
C VAL A 60 -9.21 -0.84 -5.32
N ALA A 61 -9.76 -1.61 -4.38
CA ALA A 61 -10.57 -2.80 -4.64
C ALA A 61 -11.98 -2.51 -4.20
N THR A 62 -12.93 -2.69 -5.12
CA THR A 62 -14.36 -2.52 -4.87
C THR A 62 -15.08 -3.66 -5.50
N LEU A 63 -16.28 -3.94 -5.00
CA LEU A 63 -16.99 -5.12 -5.38
C LEU A 63 -18.12 -4.86 -6.37
N TRP A 64 -18.20 -5.75 -7.33
CA TRP A 64 -19.15 -5.65 -8.42
C TRP A 64 -19.88 -6.99 -8.54
N GLN A 65 -21.11 -6.94 -8.99
CA GLN A 65 -21.90 -8.14 -9.06
C GLN A 65 -21.51 -8.81 -10.37
N GLY A 66 -21.18 -10.09 -10.32
CA GLY A 66 -20.75 -10.81 -11.52
C GLY A 66 -21.86 -11.68 -12.06
N GLU A 67 -21.50 -12.42 -13.09
CA GLU A 67 -22.44 -13.10 -13.94
C GLU A 67 -23.15 -14.19 -13.16
N ASP A 68 -22.45 -14.75 -12.18
CA ASP A 68 -23.02 -15.73 -11.28
C ASP A 68 -23.79 -15.15 -10.07
N GLY A 69 -24.03 -13.83 -10.07
CA GLY A 69 -24.70 -13.16 -8.95
C GLY A 69 -23.74 -12.78 -7.84
N ALA A 70 -22.57 -13.40 -7.86
CA ALA A 70 -21.62 -13.28 -6.78
C ALA A 70 -20.80 -12.01 -6.95
N ALA A 71 -20.56 -11.39 -5.84
CA ALA A 71 -19.67 -10.23 -5.80
C ALA A 71 -18.24 -10.68 -6.11
N PHE A 72 -17.55 -9.81 -6.85
CA PHE A 72 -16.11 -10.01 -7.05
C PHE A 72 -15.40 -8.67 -7.12
N PRO A 73 -14.12 -8.63 -6.74
CA PRO A 73 -13.39 -7.36 -6.69
C PRO A 73 -12.65 -6.99 -7.98
N PHE A 74 -12.66 -5.69 -8.27
CA PHE A 74 -11.76 -5.09 -9.24
C PHE A 74 -10.54 -4.58 -8.49
N ILE A 75 -9.41 -4.41 -9.18
CA ILE A 75 -8.26 -3.73 -8.57
C ILE A 75 -7.82 -2.66 -9.55
N THR A 76 -7.84 -1.40 -9.14
CA THR A 76 -7.49 -0.30 -10.03
C THR A 76 -6.34 0.49 -9.48
N PRO A 77 -5.22 0.64 -10.20
CA PRO A 77 -4.19 1.54 -9.72
C PRO A 77 -4.54 2.95 -10.11
N LEU A 78 -4.25 3.90 -9.21
CA LEU A 78 -4.64 5.28 -9.48
C LEU A 78 -3.88 6.23 -8.58
N ALA A 79 -3.88 7.52 -8.93
CA ALA A 79 -3.30 8.51 -8.04
C ALA A 79 -4.28 8.73 -6.90
N TYR A 80 -3.74 9.05 -5.74
CA TYR A 80 -4.56 9.35 -4.56
C TYR A 80 -3.85 10.42 -3.72
N ALA A 81 -4.62 11.01 -2.81
CA ALA A 81 -4.10 11.82 -1.73
C ALA A 81 -4.87 11.54 -0.43
N TYR A 82 -4.09 11.42 0.63
CA TYR A 82 -4.57 11.27 2.00
C TYR A 82 -4.81 12.65 2.59
N ARG A 83 -6.02 12.86 3.08
CA ARG A 83 -6.39 14.14 3.75
C ARG A 83 -6.63 13.81 5.23
N PRO A 84 -5.62 13.91 6.06
CA PRO A 84 -5.73 13.34 7.42
C PRO A 84 -6.79 14.02 8.30
N GLU A 85 -6.95 15.31 8.10
CA GLU A 85 -7.96 16.03 8.92
C GLU A 85 -9.41 15.57 8.61
N GLN A 86 -9.74 15.51 7.34
CA GLN A 86 -11.02 14.94 6.88
C GLN A 86 -11.21 13.46 7.21
N GLY A 87 -10.11 12.75 7.38
CA GLY A 87 -10.14 11.30 7.59
C GLY A 87 -10.45 10.53 6.32
N ASP A 88 -9.97 11.03 5.19
CA ASP A 88 -10.28 10.33 3.95
C ASP A 88 -9.11 10.31 3.00
N LEU A 89 -9.28 9.57 1.91
CA LEU A 89 -8.37 9.57 0.80
C LEU A 89 -9.22 9.92 -0.42
N VAL A 90 -8.68 10.75 -1.28
CA VAL A 90 -9.40 11.10 -2.50
C VAL A 90 -8.69 10.59 -3.72
N TYR A 91 -9.51 10.27 -4.70
CA TYR A 91 -9.07 9.80 -6.02
C TYR A 91 -10.15 9.96 -7.04
N HIS A 92 -9.77 9.77 -8.29
CA HIS A 92 -10.77 9.78 -9.35
C HIS A 92 -10.56 8.64 -10.34
N THR A 93 -11.69 8.08 -10.80
CA THR A 93 -11.67 7.03 -11.83
C THR A 93 -13.01 6.85 -12.38
N ASN A 94 -13.01 6.55 -13.68
CA ASN A 94 -14.23 6.30 -14.38
C ASN A 94 -14.42 4.79 -14.66
N VAL A 95 -13.61 3.94 -14.02
CA VAL A 95 -13.72 2.48 -14.14
C VAL A 95 -14.99 2.07 -13.40
N VAL A 96 -15.84 1.30 -14.05
CA VAL A 96 -16.96 0.67 -13.41
C VAL A 96 -17.17 -0.74 -13.91
N GLY A 97 -18.06 -1.46 -13.24
CA GLY A 97 -18.53 -2.77 -13.64
C GLY A 97 -19.95 -2.52 -14.11
N ARG A 98 -20.78 -3.51 -13.90
CA ARG A 98 -22.20 -3.35 -14.20
C ARG A 98 -22.93 -2.77 -12.95
N LEU A 99 -23.30 -3.59 -11.97
CA LEU A 99 -23.85 -3.09 -10.70
C LEU A 99 -22.86 -3.35 -9.57
N ARG A 100 -22.73 -2.37 -8.68
CA ARG A 100 -21.92 -2.59 -7.49
C ARG A 100 -22.64 -3.56 -6.57
N ALA A 101 -21.88 -4.36 -5.83
CA ALA A 101 -22.41 -5.33 -4.87
C ALA A 101 -22.51 -4.68 -3.51
N ASN A 102 -23.51 -3.83 -3.35
CA ASN A 102 -23.54 -2.87 -2.27
C ASN A 102 -24.89 -2.20 -2.27
N ALA A 103 -25.50 -2.14 -1.09
CA ALA A 103 -26.67 -1.30 -0.88
C ALA A 103 -26.26 0.14 -0.47
N GLY A 104 -26.80 1.13 -1.17
CA GLY A 104 -26.65 2.52 -0.80
C GLY A 104 -25.86 3.44 -1.75
N GLN A 105 -25.69 4.67 -1.27
CA GLN A 105 -24.99 5.75 -1.96
C GLN A 105 -23.44 5.70 -1.87
N GLY A 106 -22.91 5.17 -0.77
CA GLY A 106 -21.48 4.90 -0.70
C GLY A 106 -21.25 3.42 -0.96
N HIS A 107 -20.00 3.02 -1.14
CA HIS A 107 -19.69 1.61 -1.20
C HIS A 107 -18.43 1.29 -0.39
N PRO A 108 -18.37 0.09 0.17
CA PRO A 108 -17.13 -0.34 0.82
C PRO A 108 -15.97 -0.40 -0.15
N ALA A 109 -14.84 0.05 0.33
CA ALA A 109 -13.65 0.05 -0.48
C ALA A 109 -12.43 -0.27 0.37
N THR A 110 -11.51 -1.02 -0.24
CA THR A 110 -10.21 -1.30 0.31
C THR A 110 -9.18 -0.62 -0.59
N LEU A 111 -8.26 0.09 0.05
CA LEU A 111 -7.23 0.84 -0.65
C LEU A 111 -5.88 0.37 -0.13
N GLU A 112 -4.94 0.14 -1.03
CA GLU A 112 -3.61 -0.35 -0.65
C GLU A 112 -2.54 0.57 -1.24
N VAL A 113 -1.58 0.93 -0.40
CA VAL A 113 -0.41 1.69 -0.78
C VAL A 113 0.79 0.91 -0.33
N SER A 114 1.76 0.75 -1.22
CA SER A 114 3.01 0.09 -0.86
C SER A 114 4.24 0.83 -1.38
N GLU A 115 5.34 0.55 -0.74
CA GLU A 115 6.68 0.83 -1.25
C GLU A 115 7.33 -0.55 -1.43
N ILE A 116 7.80 -0.83 -2.65
CA ILE A 116 8.41 -2.10 -2.97
C ILE A 116 9.86 -1.81 -3.25
N GLY A 117 10.73 -2.45 -2.49
CA GLY A 117 12.16 -2.35 -2.65
C GLY A 117 12.73 -3.42 -3.55
N GLN A 118 13.84 -4.02 -3.12
CA GLN A 118 14.54 -4.99 -3.93
C GLN A 118 14.19 -6.45 -3.59
N PHE A 119 14.37 -7.32 -4.53
CA PHE A 119 14.32 -8.76 -4.25
C PHE A 119 15.64 -9.07 -3.50
N LEU A 120 15.51 -9.84 -2.43
CA LEU A 120 16.59 -10.22 -1.57
C LEU A 120 16.95 -11.69 -1.72
N PRO A 121 18.08 -11.98 -2.36
CA PRO A 121 18.47 -13.36 -2.57
C PRO A 121 18.93 -14.06 -1.32
N SER A 122 18.84 -15.39 -1.36
CA SER A 122 19.27 -16.25 -0.24
C SER A 122 19.56 -17.62 -0.77
N ASN A 123 20.42 -18.35 -0.08
CA ASN A 123 20.68 -19.76 -0.35
C ASN A 123 19.71 -20.67 0.37
N SER A 124 18.67 -20.08 1.00
CA SER A 124 17.57 -20.78 1.61
C SER A 124 16.29 -20.39 0.87
N PRO A 125 15.66 -21.35 0.19
CA PRO A 125 14.63 -21.02 -0.79
C PRO A 125 13.39 -20.34 -0.22
N LEU A 126 13.04 -20.59 1.03
CA LEU A 126 11.86 -19.89 1.56
C LEU A 126 12.20 -18.59 2.26
N GLU A 127 13.48 -18.20 2.25
CA GLU A 127 13.91 -16.86 2.70
C GLU A 127 14.03 -15.87 1.56
N LEU A 128 13.85 -16.35 0.34
CA LEU A 128 13.78 -15.47 -0.81
C LEU A 128 12.64 -14.56 -0.61
N SER A 129 12.88 -13.26 -0.80
CA SER A 129 11.81 -12.30 -0.54
C SER A 129 12.03 -10.97 -1.17
N VAL A 130 11.09 -10.07 -0.98
CA VAL A 130 11.11 -8.75 -1.54
C VAL A 130 10.88 -7.77 -0.40
N GLN A 131 11.70 -6.73 -0.36
CA GLN A 131 11.49 -5.64 0.61
C GLN A 131 10.15 -4.97 0.32
N TYR A 132 9.31 -4.79 1.33
CA TYR A 132 8.08 -4.02 1.12
C TYR A 132 7.60 -3.38 2.39
N ARG A 133 6.83 -2.33 2.18
CA ARG A 133 6.02 -1.68 3.20
C ARG A 133 4.64 -1.58 2.54
N SER A 134 3.58 -2.00 3.21
CA SER A 134 2.24 -2.06 2.61
C SER A 134 1.13 -1.74 3.62
N VAL A 135 0.22 -0.84 3.25
CA VAL A 135 -0.95 -0.48 4.08
C VAL A 135 -2.23 -0.89 3.36
N MET A 136 -3.16 -1.56 4.04
CA MET A 136 -4.55 -1.68 3.59
C MET A 136 -5.40 -0.70 4.42
N VAL A 137 -6.23 0.04 3.74
CA VAL A 137 -7.18 0.93 4.37
C VAL A 137 -8.55 0.43 4.02
N PHE A 138 -9.39 0.26 5.02
CA PHE A 138 -10.75 -0.15 4.85
C PHE A 138 -11.70 0.98 5.21
N GLY A 139 -12.66 1.20 4.34
CA GLY A 139 -13.58 2.31 4.54
C GLY A 139 -14.73 2.29 3.53
N THR A 140 -15.42 3.40 3.47
CA THR A 140 -16.56 3.58 2.57
C THR A 140 -16.25 4.72 1.59
N ALA A 141 -16.38 4.46 0.30
CA ALA A 141 -16.10 5.47 -0.75
C ALA A 141 -17.45 6.05 -1.23
N ARG A 142 -17.53 7.37 -1.30
CA ARG A 142 -18.69 8.03 -1.90
C ARG A 142 -18.25 8.97 -3.00
N VAL A 143 -19.14 9.18 -3.99
CA VAL A 143 -18.87 10.10 -5.08
C VAL A 143 -19.09 11.53 -4.52
N LEU A 144 -18.20 12.45 -4.89
CA LEU A 144 -18.28 13.84 -4.45
C LEU A 144 -18.89 14.65 -5.55
N ALA A 145 -19.47 15.79 -5.19
CA ALA A 145 -20.03 16.64 -6.21
C ALA A 145 -19.63 18.09 -6.03
N GLY A 146 -19.71 18.88 -7.09
CA GLY A 146 -19.63 20.34 -6.95
C GLY A 146 -18.31 20.78 -6.35
N GLU A 147 -18.37 21.70 -5.38
CA GLU A 147 -17.12 22.26 -4.84
C GLU A 147 -16.35 21.23 -4.03
N ASP A 148 -17.07 20.23 -3.48
CA ASP A 148 -16.42 19.11 -2.80
C ASP A 148 -15.51 18.34 -3.76
N ALA A 149 -16.02 18.02 -4.96
CA ALA A 149 -15.21 17.37 -5.97
C ALA A 149 -14.09 18.26 -6.48
N ARG A 150 -14.38 19.54 -6.76
CA ARG A 150 -13.35 20.46 -7.27
C ARG A 150 -12.22 20.57 -6.20
N ALA A 151 -12.56 20.72 -4.92
CA ALA A 151 -11.53 20.79 -3.90
C ALA A 151 -10.70 19.51 -3.75
N ALA A 152 -11.37 18.36 -3.78
CA ALA A 152 -10.68 17.05 -3.76
C ALA A 152 -9.72 16.89 -4.95
N LEU A 153 -10.19 17.14 -6.16
CA LEU A 153 -9.33 17.10 -7.32
C LEU A 153 -8.19 18.06 -7.19
N THR A 154 -8.44 19.23 -6.68
CA THR A 154 -7.38 20.20 -6.55
C THR A 154 -6.31 19.67 -5.58
N THR A 155 -6.72 19.23 -4.39
CA THR A 155 -5.76 18.67 -3.44
C THR A 155 -4.98 17.53 -4.05
N LEU A 156 -5.67 16.64 -4.74
CA LEU A 156 -5.03 15.51 -5.39
C LEU A 156 -3.98 15.97 -6.40
N SER A 157 -4.37 16.81 -7.35
CA SER A 157 -3.47 17.30 -8.38
C SER A 157 -2.25 18.04 -7.82
N GLU A 158 -2.46 18.89 -6.80
CA GLU A 158 -1.37 19.69 -6.22
C GLU A 158 -0.46 18.82 -5.34
N ARG A 159 -0.98 17.69 -4.88
CA ARG A 159 -0.18 16.74 -4.08
C ARG A 159 0.79 15.94 -4.96
N VAL A 160 0.28 15.45 -6.10
CA VAL A 160 1.02 14.49 -6.93
C VAL A 160 1.85 15.21 -7.97
N PHE A 161 1.61 16.49 -8.15
CA PHE A 161 2.46 17.39 -8.98
C PHE A 161 2.91 18.56 -8.10
N PRO A 162 3.93 18.35 -7.27
CA PRO A 162 4.29 19.41 -6.30
C PRO A 162 4.78 20.68 -6.99
N GLY A 163 4.23 21.81 -6.58
CA GLY A 163 4.46 23.07 -7.24
C GLY A 163 3.41 23.47 -8.24
N LEU A 164 2.58 22.54 -8.69
CA LEU A 164 1.52 22.87 -9.64
C LEU A 164 0.44 23.51 -8.80
N LYS A 165 -0.23 24.48 -9.39
CA LYS A 165 -1.32 25.21 -8.76
C LYS A 165 -2.48 25.32 -9.71
N VAL A 166 -3.59 24.69 -9.36
CA VAL A 166 -4.77 24.73 -10.16
C VAL A 166 -5.29 26.17 -10.21
N GLY A 167 -5.56 26.65 -11.41
CA GLY A 167 -5.93 28.05 -11.58
C GLY A 167 -4.83 29.01 -11.97
N GLU A 168 -3.61 28.53 -11.92
CA GLU A 168 -2.44 29.31 -12.30
C GLU A 168 -1.66 28.50 -13.28
N THR A 169 -1.01 27.44 -12.81
CA THR A 169 -0.32 26.47 -13.71
C THR A 169 -1.31 25.91 -14.71
N THR A 170 -2.49 25.56 -14.21
CA THR A 170 -3.59 25.08 -15.04
C THR A 170 -4.73 26.01 -15.12
N ARG A 171 -5.56 25.82 -16.13
CA ARG A 171 -6.82 26.52 -16.08
C ARG A 171 -7.61 26.00 -14.85
N PRO A 172 -8.57 26.79 -14.33
CA PRO A 172 -9.41 26.27 -13.28
C PRO A 172 -10.23 25.02 -13.74
N ILE A 173 -10.63 24.20 -12.77
CA ILE A 173 -11.54 23.05 -12.99
C ILE A 173 -12.93 23.56 -13.21
N SER A 174 -13.45 23.26 -14.40
CA SER A 174 -14.75 23.72 -14.84
C SER A 174 -15.89 22.79 -14.48
N GLU A 175 -17.13 23.28 -14.59
CA GLU A 175 -18.30 22.42 -14.38
C GLU A 175 -18.32 21.28 -15.36
N ASP A 176 -17.89 21.50 -16.60
CA ASP A 176 -17.78 20.39 -17.57
C ASP A 176 -16.81 19.28 -17.09
N ASP A 177 -15.64 19.70 -16.62
CA ASP A 177 -14.62 18.80 -16.07
C ASP A 177 -15.29 17.91 -15.06
N LEU A 178 -16.04 18.52 -14.16
CA LEU A 178 -16.60 17.76 -13.05
C LEU A 178 -17.67 16.76 -13.54
N LYS A 179 -18.39 17.14 -14.59
CA LYS A 179 -19.49 16.31 -15.07
C LYS A 179 -18.92 15.07 -15.71
N ARG A 180 -17.68 15.12 -16.13
CA ARG A 180 -17.06 14.04 -16.88
C ARG A 180 -16.15 13.14 -16.04
N THR A 181 -16.01 13.47 -14.75
CA THR A 181 -15.09 12.76 -13.87
C THR A 181 -15.79 12.28 -12.65
N SER A 182 -15.55 11.02 -12.25
CA SER A 182 -16.07 10.54 -10.99
C SER A 182 -15.00 10.67 -9.90
N VAL A 183 -15.26 11.55 -8.92
CA VAL A 183 -14.35 11.88 -7.82
C VAL A 183 -14.85 11.31 -6.51
N TYR A 184 -14.00 10.53 -5.87
CA TYR A 184 -14.36 9.81 -4.66
C TYR A 184 -13.60 10.25 -3.43
N SER A 185 -14.31 10.13 -2.33
CA SER A 185 -13.77 10.24 -0.98
C SER A 185 -13.97 8.90 -0.31
N LEU A 186 -12.87 8.29 0.11
CA LEU A 186 -12.87 7.05 0.89
C LEU A 186 -12.63 7.43 2.36
N SER A 187 -13.72 7.36 3.07
CA SER A 187 -13.72 7.70 4.50
C SER A 187 -13.22 6.50 5.30
N ILE A 188 -12.12 6.69 6.02
CA ILE A 188 -11.39 5.60 6.66
C ILE A 188 -12.11 5.06 7.90
N ASP A 189 -12.32 3.74 7.95
CA ASP A 189 -12.79 3.07 9.18
C ASP A 189 -11.62 2.50 9.99
N ARG A 190 -10.76 1.74 9.30
CA ARG A 190 -9.69 0.98 9.91
C ARG A 190 -8.54 0.92 8.91
N TRP A 191 -7.37 0.58 9.43
CA TRP A 191 -6.23 0.36 8.54
C TRP A 191 -5.28 -0.67 9.14
N SER A 192 -4.40 -1.22 8.30
CA SER A 192 -3.42 -2.25 8.72
C SER A 192 -2.15 -2.02 7.96
N GLY A 193 -1.01 -1.89 8.68
CA GLY A 193 0.29 -1.68 8.08
C GLY A 193 1.30 -2.77 8.33
N LYS A 194 2.15 -3.08 7.34
CA LYS A 194 3.12 -4.17 7.42
C LYS A 194 4.44 -3.70 6.80
N GLU A 195 5.57 -4.01 7.44
CA GLU A 195 6.89 -3.76 6.85
C GLU A 195 7.77 -4.98 6.96
N ASN A 196 8.29 -5.43 5.83
CA ASN A 196 9.46 -6.31 5.89
C ASN A 196 10.51 -5.74 4.93
N TRP A 197 11.45 -5.00 5.52
CA TRP A 197 12.46 -4.23 4.80
C TRP A 197 13.85 -4.50 5.39
N ALA A 198 14.27 -5.76 5.35
CA ALA A 198 15.61 -6.11 5.78
C ALA A 198 16.64 -5.71 4.71
N GLU A 199 17.89 -5.48 5.15
CA GLU A 199 19.00 -5.23 4.21
C GLU A 199 19.43 -6.52 3.54
N GLN A 200 19.23 -7.64 4.26
CA GLN A 200 19.65 -8.93 3.67
C GLN A 200 18.67 -9.98 4.09
N ALA A 201 18.31 -10.88 3.19
CA ALA A 201 17.56 -12.08 3.62
C ALA A 201 18.38 -12.95 4.55
N ILE A 202 17.66 -13.71 5.40
CA ILE A 202 18.22 -14.75 6.23
C ILE A 202 18.82 -15.81 5.28
N GLN A 203 20.02 -16.19 5.57
CA GLN A 203 20.76 -17.22 4.83
C GLN A 203 20.80 -18.53 5.64
N GLU A 204 21.19 -19.59 4.98
CA GLU A 204 21.42 -20.90 5.61
C GLU A 204 22.93 -21.10 5.70
N GLU A 205 23.48 -21.17 6.90
CA GLU A 205 24.92 -21.33 7.04
C GLU A 205 25.42 -22.67 6.50
N ASP A 206 24.57 -23.69 6.54
CA ASP A 206 24.99 -25.07 6.18
C ASP A 206 24.81 -25.45 4.73
N TRP A 207 24.64 -24.45 3.86
CA TRP A 207 24.63 -24.63 2.40
C TRP A 207 25.66 -23.63 1.87
N PRO A 208 26.35 -23.91 0.77
CA PRO A 208 27.28 -22.93 0.19
C PRO A 208 26.71 -21.54 0.09
N ALA A 209 27.48 -20.58 0.57
CA ALA A 209 27.04 -19.20 0.64
C ALA A 209 26.82 -18.69 -0.78
N LEU A 210 25.92 -17.74 -0.92
CA LEU A 210 25.71 -17.09 -2.24
C LEU A 210 27.05 -16.53 -2.68
N GLY A 211 27.33 -16.65 -3.97
CA GLY A 211 28.45 -15.95 -4.58
C GLY A 211 28.35 -14.43 -4.62
N PRO A 212 29.48 -13.79 -4.94
CA PRO A 212 29.53 -12.32 -5.01
C PRO A 212 28.56 -11.67 -6.03
N GLU A 213 28.25 -12.41 -7.09
CA GLU A 213 27.23 -12.01 -8.04
C GLU A 213 25.83 -11.69 -7.43
N TRP A 214 25.53 -12.15 -6.20
CA TRP A 214 24.20 -11.94 -5.62
C TRP A 214 24.13 -10.77 -4.68
N LEU A 215 25.05 -10.74 -3.73
CA LEU A 215 25.00 -9.72 -2.67
C LEU A 215 25.93 -8.53 -2.88
N GLY A 216 26.82 -8.63 -3.87
CA GLY A 216 27.68 -7.53 -4.31
C GLY A 216 27.18 -6.65 -5.46
C ACT B . -14.27 2.94 -6.76
O ACT B . -14.44 3.53 -5.63
OXT ACT B . -15.25 2.52 -7.48
CH3 ACT B . -12.88 2.72 -7.31
C PYR C . -4.45 11.89 -11.89
O PYR C . -5.53 12.46 -11.47
OXT PYR C . -4.46 10.69 -12.46
CA PYR C . -3.31 12.64 -11.74
O3 PYR C . -3.45 13.84 -11.30
CB PYR C . -1.97 12.09 -12.05
#